data_2NSQ
#
_entry.id   2NSQ
#
_cell.length_a   32.930
_cell.length_b   60.036
_cell.length_c   74.510
_cell.angle_alpha   90.00
_cell.angle_beta   90.00
_cell.angle_gamma   90.00
#
_symmetry.space_group_name_H-M   'P 21 21 21'
#
loop_
_entity.id
_entity.type
_entity.pdbx_description
1 polymer 'E3 ubiquitin-protein ligase NEDD4-like protein'
2 non-polymer 1,2-ETHANEDIOL
3 non-polymer GLYCEROL
4 water water
#
_entity_poly.entity_id   1
_entity_poly.type   'polypeptide(L)'
_entity_poly.pdbx_seq_one_letter_code
;GMATGLGEPVYGLSEDEGESRILRVKVVSGIDLAKKDIFGASDPYVKLSLYVADENRELALVQTKTIKKTLNPKWNEEFY
FRVNPSNHRLLFEVFDENRLTRDDFLGQVDVPLSHLPTEDPTMERPYTFKDFLLRPRSHKSRVKGFLRLKMAYMP
;
_entity_poly.pdbx_strand_id   A
#
# COMPACT_ATOMS: atom_id res chain seq x y z
N GLY A 7 17.30 11.55 4.91
CA GLY A 7 16.91 12.03 6.26
C GLY A 7 15.51 11.58 6.68
N GLU A 8 15.19 10.34 6.31
CA GLU A 8 13.85 9.74 6.45
C GLU A 8 14.06 8.22 6.60
N PRO A 9 13.16 7.53 7.32
CA PRO A 9 13.25 6.06 7.35
C PRO A 9 13.04 5.44 5.97
N VAL A 10 13.81 4.39 5.67
CA VAL A 10 13.63 3.59 4.45
C VAL A 10 13.32 2.11 4.80
N TYR A 11 12.32 1.54 4.13
CA TYR A 11 11.88 0.15 4.31
C TYR A 11 12.47 -0.73 3.22
N GLY A 12 13.05 -1.85 3.63
CA GLY A 12 13.68 -2.80 2.71
C GLY A 12 15.19 -2.71 2.83
N LEU A 13 15.87 -3.86 2.79
CA LEU A 13 17.32 -3.90 2.77
C LEU A 13 17.66 -4.36 1.37
N SER A 14 18.74 -3.81 0.79
CA SER A 14 19.15 -4.17 -0.56
C SER A 14 19.75 -5.54 -0.63
N GLU A 15 19.39 -6.28 -1.67
CA GLU A 15 20.03 -7.56 -2.00
C GLU A 15 21.06 -7.34 -3.10
N ASP A 16 20.87 -6.28 -3.87
CA ASP A 16 21.81 -5.91 -4.92
C ASP A 16 21.70 -4.42 -5.03
N GLU A 17 22.76 -3.74 -4.59
CA GLU A 17 22.75 -2.29 -4.54
C GLU A 17 22.79 -1.68 -5.97
N GLY A 18 23.27 -2.44 -6.94
CA GLY A 18 23.26 -1.94 -8.35
C GLY A 18 21.91 -2.07 -9.06
N GLU A 19 20.89 -2.50 -8.34
CA GLU A 19 19.56 -2.62 -8.93
C GLU A 19 18.50 -1.91 -8.12
N SER A 20 18.86 -1.34 -6.97
CA SER A 20 17.82 -0.71 -6.22
C SER A 20 17.70 0.79 -6.38
N ARG A 21 16.50 1.28 -6.09
CA ARG A 21 16.10 2.67 -6.28
C ARG A 21 15.30 3.00 -5.03
N ILE A 22 15.14 4.28 -4.75
CA ILE A 22 14.33 4.72 -3.60
C ILE A 22 13.03 5.20 -4.17
N LEU A 23 11.96 4.54 -3.77
CA LEU A 23 10.57 4.91 -4.13
C LEU A 23 9.86 5.57 -2.93
N ARG A 24 9.31 6.76 -3.17
CA ARG A 24 8.52 7.49 -2.21
C ARG A 24 7.03 7.16 -2.43
N VAL A 25 6.36 6.79 -1.35
CA VAL A 25 4.95 6.38 -1.40
C VAL A 25 4.17 7.17 -0.33
N LYS A 26 3.09 7.83 -0.70
CA LYS A 26 2.25 8.47 0.27
C LYS A 26 0.89 7.78 0.19
N VAL A 27 0.43 7.27 1.34
CA VAL A 27 -0.88 6.64 1.46
C VAL A 27 -1.78 7.77 1.93
N VAL A 28 -2.58 8.29 1.01
CA VAL A 28 -3.39 9.52 1.31
C VAL A 28 -4.67 9.20 2.10
N SER A 29 -5.55 8.37 1.54
CA SER A 29 -6.89 8.20 2.07
C SER A 29 -7.53 6.95 1.47
N GLY A 30 -8.56 6.45 2.16
CA GLY A 30 -9.41 5.39 1.64
C GLY A 30 -10.77 6.02 1.41
N ILE A 31 -11.47 5.55 0.38
CA ILE A 31 -12.63 6.26 -0.10
C ILE A 31 -13.76 5.24 -0.29
N ASP A 32 -14.90 5.45 0.39
CA ASP A 32 -16.10 4.67 0.13
C ASP A 32 -15.82 3.14 0.40
N LEU A 33 -15.20 2.84 1.54
CA LEU A 33 -14.86 1.43 1.87
C LEU A 33 -16.11 0.62 2.18
N ALA A 34 -16.01 -0.69 2.02
CA ALA A 34 -17.11 -1.60 2.30
C ALA A 34 -17.37 -1.65 3.79
N LYS A 35 -18.64 -1.70 4.18
CA LYS A 35 -18.98 -2.01 5.58
C LYS A 35 -19.28 -3.52 5.75
N LYS A 36 -18.36 -4.22 6.40
CA LYS A 36 -18.40 -5.68 6.56
C LYS A 36 -19.18 -6.11 7.81
N ALA A 41 -18.14 -1.31 14.25
CA ALA A 41 -17.10 -0.29 14.05
C ALA A 41 -16.09 -0.62 12.97
N SER A 42 -16.07 0.22 11.92
CA SER A 42 -15.01 0.16 10.92
C SER A 42 -13.80 1.04 11.28
N ASP A 43 -12.63 0.43 11.49
CA ASP A 43 -11.39 1.11 11.93
C ASP A 43 -10.23 0.77 11.00
N PRO A 44 -10.16 1.48 9.86
CA PRO A 44 -9.22 1.09 8.83
C PRO A 44 -7.75 1.50 8.95
N TYR A 45 -6.90 0.62 8.46
CA TYR A 45 -5.48 0.91 8.24
C TYR A 45 -5.09 0.22 6.96
N VAL A 46 -3.94 0.62 6.41
CA VAL A 46 -3.36 -0.04 5.23
C VAL A 46 -2.08 -0.76 5.63
N LYS A 47 -1.97 -2.01 5.23
CA LYS A 47 -0.74 -2.77 5.37
C LYS A 47 -0.07 -2.76 3.98
N LEU A 48 1.17 -2.28 3.94
CA LEU A 48 1.96 -2.23 2.71
C LEU A 48 2.98 -3.39 2.76
N SER A 49 2.97 -4.22 1.72
CA SER A 49 3.95 -5.30 1.59
C SER A 49 4.76 -5.16 0.30
N LEU A 50 6.06 -4.91 0.44
CA LEU A 50 6.96 -4.89 -0.71
C LEU A 50 7.35 -6.36 -0.92
N TYR A 51 7.29 -6.85 -2.16
CA TYR A 51 7.59 -8.26 -2.36
C TYR A 51 8.22 -8.50 -3.72
N VAL A 52 8.90 -9.63 -3.86
CA VAL A 52 9.53 -10.00 -5.12
C VAL A 52 8.48 -10.65 -6.02
N ALA A 53 8.35 -10.17 -7.26
CA ALA A 53 7.38 -10.79 -8.18
C ALA A 53 7.75 -12.24 -8.50
N ASP A 54 6.70 -13.05 -8.73
CA ASP A 54 6.79 -14.47 -9.12
C ASP A 54 7.18 -15.35 -7.92
N GLU A 55 8.26 -14.98 -7.27
CA GLU A 55 8.67 -15.62 -6.00
C GLU A 55 7.61 -15.39 -4.92
N ASN A 56 6.85 -14.30 -5.03
CA ASN A 56 5.90 -13.87 -3.99
C ASN A 56 6.55 -13.97 -2.57
N ARG A 57 7.72 -13.37 -2.52
CA ARG A 57 8.54 -13.33 -1.30
C ARG A 57 8.54 -11.93 -0.67
N GLU A 58 7.98 -11.78 0.54
CA GLU A 58 7.90 -10.44 1.24
C GLU A 58 9.32 -9.88 1.50
N LEU A 59 9.55 -8.59 1.16
CA LEU A 59 10.84 -7.88 1.46
C LEU A 59 10.70 -6.81 2.54
N ALA A 60 9.47 -6.35 2.80
CA ALA A 60 9.26 -5.31 3.83
C ALA A 60 7.76 -5.15 4.09
N LEU A 61 7.38 -4.99 5.37
CA LEU A 61 5.98 -4.97 5.78
C LEU A 61 5.87 -3.82 6.77
N VAL A 62 4.90 -2.96 6.53
CA VAL A 62 4.67 -1.82 7.43
C VAL A 62 3.19 -1.41 7.29
N GLN A 63 2.62 -0.91 8.36
CA GLN A 63 1.19 -0.50 8.28
C GLN A 63 0.98 0.93 8.70
N THR A 64 -0.07 1.56 8.19
CA THR A 64 -0.39 2.94 8.59
C THR A 64 -1.03 2.91 9.98
N LYS A 65 -1.24 4.08 10.56
N LYS A 65 -1.24 4.08 10.58
CA LYS A 65 -2.12 4.20 11.74
CA LYS A 65 -2.10 4.17 11.77
C LYS A 65 -3.53 3.68 11.41
C LYS A 65 -3.54 3.77 11.43
N THR A 66 -4.26 3.31 12.45
CA THR A 66 -5.67 2.96 12.31
C THR A 66 -6.51 4.21 12.49
N ILE A 67 -7.45 4.49 11.59
CA ILE A 67 -8.38 5.61 11.86
C ILE A 67 -9.68 5.00 12.42
N LYS A 68 -10.19 5.54 13.52
CA LYS A 68 -11.37 4.95 14.21
C LYS A 68 -12.68 5.29 13.52
N LYS A 69 -13.59 4.31 13.40
CA LYS A 69 -15.00 4.59 13.05
C LYS A 69 -15.22 5.45 11.77
N THR A 70 -14.77 4.93 10.64
CA THR A 70 -14.91 5.64 9.37
C THR A 70 -14.88 4.63 8.22
N LEU A 71 -15.56 4.96 7.12
CA LEU A 71 -15.36 4.28 5.83
C LEU A 71 -14.62 5.23 4.86
N ASN A 72 -14.12 6.35 5.36
CA ASN A 72 -13.46 7.32 4.49
C ASN A 72 -12.23 7.91 5.15
N PRO A 73 -11.29 7.05 5.58
CA PRO A 73 -10.13 7.38 6.44
C PRO A 73 -9.13 8.23 5.70
N LYS A 74 -8.57 9.23 6.37
CA LYS A 74 -7.52 10.04 5.79
C LYS A 74 -6.26 9.66 6.58
N TRP A 75 -5.32 9.00 5.93
CA TRP A 75 -4.08 8.63 6.64
C TRP A 75 -2.98 9.67 6.44
N ASN A 76 -2.76 10.13 5.20
CA ASN A 76 -1.65 11.07 4.91
C ASN A 76 -0.27 10.66 5.44
N GLU A 77 0.11 9.42 5.17
CA GLU A 77 1.35 8.87 5.70
C GLU A 77 2.31 8.60 4.56
N GLU A 78 3.60 8.87 4.80
CA GLU A 78 4.62 8.78 3.77
C GLU A 78 5.57 7.65 4.13
N PHE A 79 6.03 6.92 3.11
CA PHE A 79 6.97 5.81 3.29
C PHE A 79 8.01 5.89 2.18
N TYR A 80 9.26 5.57 2.49
CA TYR A 80 10.27 5.43 1.43
C TYR A 80 10.66 3.97 1.39
N PHE A 81 10.62 3.37 0.20
CA PHE A 81 11.03 1.95 0.07
C PHE A 81 12.32 1.80 -0.79
N ARG A 82 13.14 0.79 -0.49
CA ARG A 82 14.27 0.45 -1.33
C ARG A 82 13.77 -0.70 -2.20
N VAL A 83 13.76 -0.48 -3.53
CA VAL A 83 13.09 -1.42 -4.45
C VAL A 83 13.90 -1.68 -5.72
N ASN A 84 13.59 -2.79 -6.40
CA ASN A 84 14.15 -3.16 -7.68
C ASN A 84 12.96 -2.93 -8.63
N PRO A 85 13.05 -1.91 -9.47
CA PRO A 85 11.81 -1.54 -10.22
C PRO A 85 11.35 -2.63 -11.16
N SER A 86 12.29 -3.45 -11.65
CA SER A 86 11.90 -4.43 -12.65
C SER A 86 11.27 -5.72 -12.06
N ASN A 87 11.55 -6.01 -10.80
CA ASN A 87 11.28 -7.35 -10.20
C ASN A 87 10.51 -7.34 -8.88
N HIS A 88 10.23 -6.16 -8.35
CA HIS A 88 9.45 -6.03 -7.12
C HIS A 88 8.07 -5.40 -7.42
N ARG A 89 7.14 -5.64 -6.47
CA ARG A 89 5.79 -5.09 -6.57
C ARG A 89 5.42 -4.63 -5.18
N LEU A 90 4.43 -3.76 -5.10
CA LEU A 90 3.98 -3.29 -3.77
C LEU A 90 2.51 -3.62 -3.63
N LEU A 91 2.17 -4.42 -2.60
CA LEU A 91 0.78 -4.73 -2.29
C LEU A 91 0.27 -3.80 -1.20
N PHE A 92 -0.90 -3.22 -1.42
CA PHE A 92 -1.54 -2.40 -0.40
C PHE A 92 -2.81 -3.15 0.01
N GLU A 93 -2.95 -3.50 1.29
CA GLU A 93 -4.22 -4.16 1.73
C GLU A 93 -4.85 -3.30 2.79
N VAL A 94 -6.15 -3.08 2.65
CA VAL A 94 -6.88 -2.27 3.63
C VAL A 94 -7.57 -3.25 4.59
N PHE A 95 -7.40 -3.01 5.89
CA PHE A 95 -8.01 -3.87 6.90
C PHE A 95 -8.79 -3.02 7.86
N ASP A 96 -9.83 -3.61 8.43
CA ASP A 96 -10.58 -3.09 9.52
C ASP A 96 -10.03 -3.71 10.79
N GLU A 97 -9.38 -2.89 11.62
CA GLU A 97 -8.72 -3.42 12.80
C GLU A 97 -9.77 -3.80 13.85
N ASN A 98 -9.63 -5.01 14.41
CA ASN A 98 -10.52 -5.46 15.50
C ASN A 98 -9.70 -5.92 16.69
N ARG A 99 -10.26 -5.77 17.88
CA ARG A 99 -9.61 -6.15 19.12
C ARG A 99 -9.66 -7.67 19.40
N LEU A 100 -10.83 -8.25 19.23
CA LEU A 100 -11.09 -9.59 19.72
C LEU A 100 -11.26 -10.61 18.59
N THR A 101 -11.21 -10.14 17.35
CA THR A 101 -11.22 -11.03 16.20
C THR A 101 -10.08 -10.63 15.27
N ARG A 102 -9.73 -11.50 14.32
CA ARG A 102 -8.78 -11.13 13.29
C ARG A 102 -9.24 -9.86 12.55
N ASP A 103 -8.30 -8.99 12.19
CA ASP A 103 -8.64 -7.79 11.39
C ASP A 103 -9.27 -8.20 10.07
N ASP A 104 -10.32 -7.51 9.67
CA ASP A 104 -11.04 -7.84 8.44
C ASP A 104 -10.49 -7.22 7.19
N PHE A 105 -10.29 -8.04 6.17
CA PHE A 105 -9.86 -7.54 4.88
C PHE A 105 -10.92 -6.72 4.12
N LEU A 106 -10.53 -5.52 3.63
CA LEU A 106 -11.47 -4.64 2.92
C LEU A 106 -11.14 -4.40 1.45
N GLY A 107 -9.98 -4.87 0.99
CA GLY A 107 -9.65 -4.72 -0.41
C GLY A 107 -8.15 -4.52 -0.59
N GLN A 108 -7.68 -4.70 -1.82
CA GLN A 108 -6.27 -4.55 -2.09
C GLN A 108 -5.96 -3.85 -3.40
N VAL A 109 -4.73 -3.35 -3.51
CA VAL A 109 -4.23 -2.82 -4.78
C VAL A 109 -2.84 -3.38 -4.88
N ASP A 110 -2.54 -4.04 -6.00
CA ASP A 110 -1.23 -4.65 -6.17
C ASP A 110 -0.55 -3.90 -7.33
N VAL A 111 0.54 -3.19 -7.05
CA VAL A 111 1.14 -2.25 -8.05
C VAL A 111 2.48 -2.77 -8.54
N PRO A 112 2.63 -2.86 -9.87
CA PRO A 112 3.99 -3.09 -10.39
C PRO A 112 4.81 -1.80 -10.26
N LEU A 113 6.12 -1.92 -10.07
CA LEU A 113 6.94 -0.74 -9.87
C LEU A 113 7.78 -0.31 -11.08
N SER A 114 7.59 -0.99 -12.21
CA SER A 114 8.47 -0.80 -13.35
C SER A 114 8.27 0.49 -14.12
N HIS A 115 7.06 1.04 -14.08
CA HIS A 115 6.79 2.23 -14.88
C HIS A 115 6.21 3.40 -14.07
N LEU A 116 6.62 3.54 -12.82
CA LEU A 116 6.19 4.66 -11.98
C LEU A 116 6.99 5.89 -12.37
N PRO A 117 6.42 7.10 -12.17
CA PRO A 117 7.19 8.31 -12.51
C PRO A 117 8.35 8.59 -11.54
N THR A 118 9.22 9.50 -11.94
CA THR A 118 10.34 9.87 -11.15
C THR A 118 10.22 11.35 -10.85
N GLU A 119 10.44 11.73 -9.61
CA GLU A 119 10.15 13.07 -9.19
C GLU A 119 10.96 13.42 -7.97
N ASP A 120 11.78 14.45 -8.07
CA ASP A 120 12.36 15.07 -6.87
C ASP A 120 11.22 15.57 -5.98
N PRO A 121 11.24 15.23 -4.67
CA PRO A 121 10.27 15.86 -3.76
C PRO A 121 10.46 17.37 -3.67
N TYR A 127 -1.92 17.58 -7.18
CA TYR A 127 -3.01 16.70 -7.60
C TYR A 127 -2.46 15.56 -8.46
N THR A 128 -1.31 15.03 -8.07
CA THR A 128 -0.64 13.97 -8.84
C THR A 128 -0.85 12.57 -8.17
N PHE A 129 -1.77 12.48 -7.20
CA PHE A 129 -2.22 11.19 -6.70
C PHE A 129 -3.08 10.46 -7.73
N LYS A 130 -3.36 9.18 -7.48
CA LYS A 130 -4.28 8.40 -8.30
C LYS A 130 -5.20 7.65 -7.33
N ASP A 131 -6.46 7.48 -7.69
CA ASP A 131 -7.38 6.75 -6.86
C ASP A 131 -7.44 5.34 -7.43
N PHE A 132 -6.81 4.40 -6.73
CA PHE A 132 -6.74 3.01 -7.22
C PHE A 132 -8.00 2.23 -6.79
N LEU A 133 -8.63 1.55 -7.75
CA LEU A 133 -9.79 0.72 -7.46
C LEU A 133 -9.39 -0.43 -6.52
N LEU A 134 -10.03 -0.52 -5.35
CA LEU A 134 -9.79 -1.67 -4.49
C LEU A 134 -10.31 -2.93 -5.14
N ARG A 135 -9.51 -4.01 -5.02
CA ARG A 135 -9.82 -5.34 -5.62
C ARG A 135 -9.99 -6.40 -4.52
N PRO A 136 -10.86 -7.45 -4.76
CA PRO A 136 -10.99 -8.54 -3.78
C PRO A 136 -9.75 -9.43 -3.75
N ARG A 137 -9.60 -10.20 -2.67
CA ARG A 137 -8.52 -11.16 -2.61
C ARG A 137 -8.72 -12.26 -3.61
N SER A 138 -9.96 -12.73 -3.75
CA SER A 138 -10.29 -13.71 -4.78
C SER A 138 -11.39 -13.16 -5.68
N HIS A 139 -11.41 -13.61 -6.93
CA HIS A 139 -12.49 -13.31 -7.86
C HIS A 139 -13.89 -13.57 -7.24
N LYS A 140 -13.95 -14.41 -6.19
CA LYS A 140 -15.24 -14.91 -5.62
C LYS A 140 -15.86 -13.92 -4.64
N SER A 141 -15.10 -12.90 -4.27
N SER A 141 -15.10 -12.88 -4.32
CA SER A 141 -15.59 -11.91 -3.30
CA SER A 141 -15.53 -11.89 -3.33
C SER A 141 -15.68 -10.53 -3.97
C SER A 141 -15.68 -10.52 -3.99
N ARG A 142 -16.22 -9.55 -3.26
CA ARG A 142 -16.35 -8.21 -3.82
C ARG A 142 -15.97 -7.27 -2.74
N VAL A 143 -15.38 -6.15 -3.13
CA VAL A 143 -15.10 -5.09 -2.21
C VAL A 143 -15.65 -3.85 -2.88
N LYS A 144 -15.39 -2.68 -2.31
CA LYS A 144 -15.81 -1.42 -2.94
C LYS A 144 -14.80 -0.28 -2.62
N GLY A 145 -14.89 0.77 -3.41
CA GLY A 145 -14.17 1.98 -3.12
C GLY A 145 -12.77 2.01 -3.67
N PHE A 146 -12.05 3.03 -3.22
CA PHE A 146 -10.73 3.39 -3.78
C PHE A 146 -9.71 3.66 -2.69
N LEU A 147 -8.43 3.54 -3.04
CA LEU A 147 -7.34 3.91 -2.18
C LEU A 147 -6.53 4.94 -2.95
N ARG A 148 -6.38 6.12 -2.33
CA ARG A 148 -5.71 7.23 -2.97
C ARG A 148 -4.23 7.23 -2.57
N LEU A 149 -3.38 7.11 -3.59
CA LEU A 149 -1.93 6.94 -3.42
C LEU A 149 -1.12 7.87 -4.30
N LYS A 150 0.03 8.30 -3.82
CA LYS A 150 0.98 8.99 -4.66
C LYS A 150 2.27 8.19 -4.58
N MET A 151 2.89 7.93 -5.72
CA MET A 151 4.11 7.15 -5.75
C MET A 151 4.98 7.69 -6.84
N ALA A 152 6.28 7.92 -6.50
CA ALA A 152 7.27 8.38 -7.50
C ALA A 152 8.70 8.08 -6.98
N TYR A 153 9.58 7.71 -7.88
CA TYR A 153 10.98 7.45 -7.54
C TYR A 153 11.70 8.73 -7.18
N MET A 154 12.63 8.61 -6.24
CA MET A 154 13.69 9.59 -6.08
C MET A 154 14.63 9.51 -7.32
N PRO A 155 15.00 10.67 -7.90
CA PRO A 155 15.81 10.71 -9.13
C PRO A 155 17.06 9.79 -9.11
#